data_7CL0
#
_entry.id   7CL0
#
_cell.length_a   161.795
_cell.length_b   161.795
_cell.length_c   161.795
_cell.angle_alpha   90.000
_cell.angle_beta   90.000
_cell.angle_gamma   90.000
#
_symmetry.space_group_name_H-M   'P 41 3 2'
#
loop_
_entity.id
_entity.type
_entity.pdbx_description
1 polymer 'NAD-dependent protein deacetylase sirtuin-6'
2 polymer THR-ALA-ARG-LYS-SER-THR-GLY
3 non-polymer '[(2R,3S,4R,5R)-5-(6-AMINOPURIN-9-YL)-3,4-DIHYDROXY-OXOLAN-2-YL]METHYL[HYDROXY-[[(2R,3S,4R,5S)-3,4,5-TRIHYDROXYOXOLAN-2-YL]METHOXY]PHOSPHORYL] HYDROGEN PHOSPHATE'
4 non-polymer 'ZINC ION'
5 non-polymer 'SULFATE ION'
6 non-polymer 1,2-ETHANEDIOL
7 non-polymer tetradecanethial
8 non-polymer DI(HYDROXYETHYL)ETHER
9 water water
#
loop_
_entity_poly.entity_id
_entity_poly.type
_entity_poly.pdbx_seq_one_letter_code
_entity_poly.pdbx_strand_id
1 'polypeptide(L)'
;MSVNYAAGLSPYADKGKCGLPEIFDPPEELERKVWELARLVWQSSSVVFHTGAGISTASGIPDFRGPHGVWTMEERGLAP
KFDTTFESARPTQTHMALVQLERVGLLRFLVSQNVDGLHVRSGFPRDKLAELHGNMFVEECAKCKTQYVRDTVVGTMGLK
ATGRLCTVAKARGLRACRGELRDTILDWEDSLPDRDLALADEASRNADLSITLGTSLQIRPSGNLPLATKRRGGRLVIVN
LQPTKHDRHADLRIHGYVDEVMTRLMKHLGLEIPAWDGPRVLERALPPLPRPPTPKLEPKEESPTRINGSIPAGPKQEPC
AQHNGSEPASPKRERPTSPAPHRPPKRVKAKAVPS
;
A
2 'polypeptide(L)' QTARKSTGG D
#
# COMPACT_ATOMS: atom_id res chain seq x y z
N ALA A 6 9.87 -15.11 -7.53
CA ALA A 6 11.14 -14.41 -7.13
C ALA A 6 12.29 -14.54 -8.16
N ALA A 7 11.96 -14.59 -9.46
CA ALA A 7 12.89 -15.11 -10.48
C ALA A 7 13.75 -14.02 -11.14
N GLY A 8 15.06 -14.32 -11.17
CA GLY A 8 16.12 -13.39 -11.60
C GLY A 8 16.59 -12.31 -10.61
N LEU A 9 15.97 -12.27 -9.42
CA LEU A 9 16.19 -11.21 -8.44
C LEU A 9 17.44 -11.47 -7.59
N SER A 10 18.00 -10.38 -7.09
CA SER A 10 19.24 -10.42 -6.32
C SER A 10 19.17 -11.34 -5.11
N PRO A 11 20.14 -12.25 -4.98
CA PRO A 11 20.23 -13.04 -3.76
C PRO A 11 21.03 -12.40 -2.66
N TYR A 12 21.31 -11.10 -2.77
CA TYR A 12 22.16 -10.30 -1.81
C TYR A 12 21.42 -9.39 -0.87
N ALA A 13 20.09 -9.50 -0.88
CA ALA A 13 19.26 -8.62 -0.07
C ALA A 13 19.38 -8.87 1.43
N ASP A 14 19.30 -7.79 2.19
CA ASP A 14 19.01 -7.91 3.65
C ASP A 14 17.47 -8.12 3.84
N LYS A 15 17.09 -9.27 4.38
CA LYS A 15 15.67 -9.51 4.58
C LYS A 15 15.05 -8.89 5.84
N GLY A 16 15.85 -8.31 6.73
CA GLY A 16 15.33 -7.73 7.97
C GLY A 16 14.92 -8.78 8.96
N LYS A 17 14.18 -8.35 9.97
CA LYS A 17 13.71 -9.26 11.03
C LYS A 17 12.39 -9.92 10.63
N CYS A 18 12.44 -11.24 10.57
CA CYS A 18 11.36 -12.11 10.09
C CYS A 18 10.85 -12.97 11.19
N GLY A 19 9.58 -13.28 11.12
CA GLY A 19 9.04 -14.22 12.06
C GLY A 19 8.82 -13.81 13.47
N LEU A 20 8.80 -12.51 13.76
CA LEU A 20 8.45 -12.07 15.10
C LEU A 20 7.00 -12.51 15.50
N PRO A 21 6.76 -12.87 16.78
CA PRO A 21 5.39 -13.34 17.04
C PRO A 21 4.36 -12.23 16.92
N GLU A 22 3.14 -12.64 16.57
CA GLU A 22 1.98 -11.76 16.59
C GLU A 22 1.47 -11.44 18.02
N ILE A 23 1.05 -10.20 18.21
CA ILE A 23 0.40 -9.68 19.38
C ILE A 23 -1.08 -9.38 19.05
N PHE A 24 -2.02 -9.77 19.94
CA PHE A 24 -3.47 -9.49 19.78
C PHE A 24 -4.02 -8.69 20.92
N ASP A 25 -4.29 -7.39 20.69
CA ASP A 25 -4.95 -6.50 21.69
C ASP A 25 -6.22 -7.15 22.19
N PRO A 26 -6.42 -7.24 23.52
CA PRO A 26 -7.70 -7.85 23.98
C PRO A 26 -8.92 -6.95 23.64
N PRO A 27 -10.12 -7.56 23.41
CA PRO A 27 -11.27 -6.92 22.70
C PRO A 27 -11.71 -5.58 23.20
N GLU A 28 -11.67 -5.40 24.50
CA GLU A 28 -12.14 -4.18 25.11
C GLU A 28 -11.17 -3.09 24.70
N GLU A 29 -9.87 -3.35 24.91
CA GLU A 29 -8.79 -2.44 24.48
C GLU A 29 -8.92 -2.13 22.99
N LEU A 30 -9.14 -3.17 22.19
CA LEU A 30 -9.27 -2.99 20.76
C LEU A 30 -10.38 -2.01 20.35
N GLU A 31 -11.62 -2.29 20.82
CA GLU A 31 -12.78 -1.41 20.60
C GLU A 31 -12.51 0.05 21.02
N ARG A 32 -11.80 0.24 22.10
CA ARG A 32 -11.51 1.61 22.57
C ARG A 32 -10.50 2.30 21.66
N LYS A 33 -9.55 1.56 21.10
CA LYS A 33 -8.49 2.13 20.24
C LYS A 33 -9.05 2.47 18.85
N VAL A 34 -9.91 1.60 18.34
CA VAL A 34 -10.62 1.91 17.11
C VAL A 34 -11.63 3.10 17.20
N TRP A 35 -12.38 3.25 18.30
CA TRP A 35 -13.04 4.56 18.59
C TRP A 35 -12.08 5.76 18.56
N GLU A 36 -10.94 5.67 19.23
CA GLU A 36 -9.95 6.77 19.18
C GLU A 36 -9.47 7.09 17.74
N LEU A 37 -9.37 6.05 16.90
CA LEU A 37 -8.94 6.16 15.50
C LEU A 37 -9.92 6.95 14.65
N ALA A 38 -11.19 6.49 14.71
CA ALA A 38 -12.40 7.22 14.19
C ALA A 38 -12.42 8.73 14.58
N ARG A 39 -12.07 9.05 15.82
CA ARG A 39 -11.98 10.45 16.24
C ARG A 39 -10.89 11.19 15.49
N LEU A 40 -9.67 10.66 15.51
CA LEU A 40 -8.55 11.34 14.80
C LEU A 40 -8.80 11.37 13.28
N VAL A 41 -9.42 10.34 12.69
CA VAL A 41 -9.74 10.47 11.27
C VAL A 41 -10.63 11.68 11.08
N TRP A 42 -11.74 11.71 11.85
CA TRP A 42 -12.70 12.81 11.80
C TRP A 42 -12.14 14.20 12.12
N GLN A 43 -11.32 14.33 13.15
CA GLN A 43 -10.72 15.63 13.52
C GLN A 43 -9.63 16.09 12.57
N SER A 44 -9.08 15.20 11.75
CA SER A 44 -7.88 15.53 10.99
C SER A 44 -8.29 16.03 9.62
N SER A 45 -7.64 17.07 9.13
CA SER A 45 -7.93 17.58 7.79
C SER A 45 -7.24 16.74 6.72
N SER A 46 -5.92 16.74 6.70
CA SER A 46 -5.11 15.84 5.83
C SER A 46 -4.70 14.45 6.42
N VAL A 47 -5.34 13.37 5.99
CA VAL A 47 -5.05 12.01 6.47
C VAL A 47 -4.35 11.17 5.36
N VAL A 48 -3.14 10.67 5.66
CA VAL A 48 -2.37 9.79 4.78
C VAL A 48 -2.24 8.32 5.29
N PHE A 49 -2.63 7.36 4.43
CA PHE A 49 -2.53 5.94 4.69
C PHE A 49 -1.27 5.39 4.05
N HIS A 50 -0.69 4.40 4.73
CA HIS A 50 0.52 3.69 4.29
C HIS A 50 0.28 2.21 4.44
N THR A 51 0.28 1.49 3.34
CA THR A 51 -0.07 0.12 3.41
C THR A 51 1.04 -0.81 2.99
N GLY A 52 1.19 -1.95 3.69
CA GLY A 52 2.13 -2.99 3.31
C GLY A 52 1.47 -4.33 3.14
N ALA A 53 2.27 -5.40 3.09
CA ALA A 53 1.78 -6.69 2.72
C ALA A 53 0.63 -7.26 3.58
N GLY A 54 0.54 -6.81 4.83
CA GLY A 54 -0.46 -7.32 5.77
C GLY A 54 -1.92 -7.05 5.40
N ILE A 55 -2.19 -6.04 4.57
CA ILE A 55 -3.56 -5.79 4.10
C ILE A 55 -4.04 -6.69 2.98
N SER A 56 -3.15 -7.57 2.46
CA SER A 56 -3.51 -8.53 1.43
C SER A 56 -3.46 -9.96 1.89
N THR A 57 -3.07 -10.24 3.14
CA THR A 57 -3.07 -11.64 3.62
C THR A 57 -4.47 -12.27 3.65
N ALA A 58 -5.49 -11.48 3.95
CA ALA A 58 -6.85 -12.03 3.92
C ALA A 58 -7.26 -12.48 2.53
N SER A 59 -6.58 -12.04 1.49
CA SER A 59 -6.98 -12.41 0.15
C SER A 59 -6.24 -13.61 -0.30
N GLY A 60 -5.31 -14.10 0.51
CA GLY A 60 -4.57 -15.32 0.17
C GLY A 60 -3.15 -15.12 -0.24
N ILE A 61 -2.69 -13.89 -0.27
CA ILE A 61 -1.30 -13.56 -0.63
C ILE A 61 -0.50 -13.48 0.65
N PRO A 62 0.61 -14.24 0.74
CA PRO A 62 1.46 -14.16 1.97
C PRO A 62 2.15 -12.81 2.13
N ASP A 63 2.48 -12.46 3.37
CA ASP A 63 3.36 -11.32 3.64
C ASP A 63 4.80 -11.76 3.49
N PHE A 64 5.75 -10.88 3.83
CA PHE A 64 7.20 -11.19 3.73
C PHE A 64 7.81 -11.67 5.02
N ARG A 65 7.40 -11.06 6.11
CA ARG A 65 8.02 -11.25 7.38
C ARG A 65 7.09 -11.65 8.54
N GLY A 66 5.83 -11.93 8.26
CA GLY A 66 4.97 -12.50 9.30
C GLY A 66 5.42 -13.93 9.62
N PRO A 67 4.68 -14.64 10.48
CA PRO A 67 5.02 -16.00 10.84
C PRO A 67 5.13 -16.91 9.66
N HIS A 68 4.30 -16.70 8.63
CA HIS A 68 4.38 -17.49 7.38
C HIS A 68 4.75 -16.72 6.16
N GLY A 69 5.58 -15.69 6.31
CA GLY A 69 5.96 -14.83 5.20
C GLY A 69 6.99 -15.45 4.27
N VAL A 70 7.08 -14.88 3.08
CA VAL A 70 7.94 -15.38 2.05
C VAL A 70 9.40 -15.30 2.54
N TRP A 71 9.79 -14.18 3.18
CA TRP A 71 11.18 -14.10 3.66
C TRP A 71 11.38 -15.02 4.85
N THR A 72 10.43 -15.01 5.76
CA THR A 72 10.45 -15.87 6.95
C THR A 72 10.68 -17.34 6.61
N MET A 73 9.92 -17.87 5.64
CA MET A 73 10.06 -19.23 5.16
C MET A 73 11.39 -19.49 4.51
N GLU A 74 11.86 -18.61 3.62
CA GLU A 74 13.22 -18.70 3.03
C GLU A 74 14.38 -18.72 4.07
N GLU A 75 14.38 -17.86 5.08
CA GLU A 75 15.40 -17.97 6.13
C GLU A 75 15.49 -19.38 6.68
N ARG A 76 14.35 -20.06 6.80
CA ARG A 76 14.30 -21.31 7.51
C ARG A 76 14.26 -22.49 6.60
N GLY A 77 14.68 -22.37 5.35
CA GLY A 77 14.72 -23.52 4.40
C GLY A 77 13.49 -23.94 3.58
N LEU A 78 12.34 -23.30 3.85
CA LEU A 78 11.01 -23.66 3.34
C LEU A 78 10.60 -22.77 2.18
N ALA A 79 9.67 -23.22 1.36
CA ALA A 79 9.06 -22.32 0.34
C ALA A 79 7.82 -21.76 0.96
N PRO A 80 7.27 -20.64 0.43
CA PRO A 80 6.03 -20.14 1.00
C PRO A 80 4.82 -20.77 0.33
N LYS A 81 3.67 -20.41 0.88
CA LYS A 81 2.42 -20.98 0.50
C LYS A 81 1.60 -19.85 -0.13
N PHE A 82 1.39 -19.96 -1.43
CA PHE A 82 0.40 -19.15 -2.11
C PHE A 82 -0.91 -19.90 -2.13
N ASP A 83 -1.88 -19.37 -1.42
CA ASP A 83 -3.27 -19.81 -1.58
C ASP A 83 -3.77 -19.31 -2.97
N THR A 84 -3.95 -17.99 -3.13
CA THR A 84 -4.31 -17.38 -4.43
C THR A 84 -3.19 -16.92 -5.40
N THR A 85 -3.45 -17.00 -6.72
CA THR A 85 -2.64 -16.28 -7.72
C THR A 85 -2.90 -14.77 -7.67
N PHE A 86 -1.99 -13.99 -8.22
CA PHE A 86 -2.21 -12.56 -8.28
C PHE A 86 -3.43 -12.21 -9.14
N GLU A 87 -3.63 -12.86 -10.30
CA GLU A 87 -4.79 -12.50 -11.16
C GLU A 87 -6.14 -12.72 -10.49
N SER A 88 -6.26 -13.75 -9.67
CA SER A 88 -7.52 -14.15 -9.04
C SER A 88 -7.73 -13.63 -7.63
N ALA A 89 -6.75 -12.94 -7.07
CA ALA A 89 -6.86 -12.30 -5.79
C ALA A 89 -7.92 -11.18 -5.79
N ARG A 90 -8.70 -11.11 -4.70
CA ARG A 90 -9.79 -10.19 -4.56
C ARG A 90 -9.41 -9.11 -3.53
N PRO A 91 -9.61 -7.81 -3.87
CA PRO A 91 -9.58 -6.77 -2.85
C PRO A 91 -10.25 -7.16 -1.52
N THR A 92 -9.58 -6.80 -0.43
CA THR A 92 -10.09 -7.01 0.90
C THR A 92 -10.99 -5.85 1.29
N GLN A 93 -11.64 -6.01 2.44
CA GLN A 93 -12.46 -4.98 3.02
C GLN A 93 -11.63 -3.76 3.36
N THR A 94 -10.35 -4.00 3.69
CA THR A 94 -9.39 -2.89 3.90
C THR A 94 -9.18 -2.10 2.56
N HIS A 95 -8.96 -2.81 1.47
CA HIS A 95 -8.79 -2.13 0.18
C HIS A 95 -10.03 -1.32 -0.15
N MET A 96 -11.20 -1.95 0.02
CA MET A 96 -12.50 -1.33 -0.32
C MET A 96 -12.85 -0.19 0.65
N ALA A 97 -12.48 -0.33 1.93
CA ALA A 97 -12.67 0.77 2.86
C ALA A 97 -11.83 1.95 2.46
N LEU A 98 -10.62 1.71 1.90
CA LEU A 98 -9.80 2.85 1.46
C LEU A 98 -10.36 3.57 0.25
N VAL A 99 -11.07 2.87 -0.63
CA VAL A 99 -11.76 3.46 -1.79
C VAL A 99 -12.82 4.46 -1.31
N GLN A 100 -13.66 3.98 -0.39
CA GLN A 100 -14.70 4.81 0.20
C GLN A 100 -14.16 5.97 1.02
N LEU A 101 -13.14 5.74 1.85
CA LEU A 101 -12.55 6.87 2.60
C LEU A 101 -12.14 7.94 1.63
N GLU A 102 -11.61 7.54 0.46
CA GLU A 102 -11.08 8.52 -0.48
C GLU A 102 -12.25 9.25 -1.11
N ARG A 103 -13.36 8.54 -1.40
CA ARG A 103 -14.54 9.16 -2.01
C ARG A 103 -15.13 10.35 -1.23
N VAL A 104 -15.16 10.24 0.11
CA VAL A 104 -15.78 11.23 0.95
C VAL A 104 -14.84 12.26 1.60
N GLY A 105 -13.60 12.27 1.16
CA GLY A 105 -12.68 13.33 1.59
C GLY A 105 -11.89 13.04 2.83
N LEU A 106 -12.10 11.86 3.41
CA LEU A 106 -11.43 11.42 4.62
C LEU A 106 -10.07 10.71 4.40
N LEU A 107 -9.57 10.68 3.16
CA LEU A 107 -8.23 10.18 2.82
C LEU A 107 -7.60 11.14 1.80
N ARG A 108 -6.43 11.69 2.05
CA ARG A 108 -5.77 12.61 1.11
C ARG A 108 -4.90 11.86 0.07
N PHE A 109 -4.15 10.84 0.53
CA PHE A 109 -3.19 10.16 -0.31
C PHE A 109 -2.91 8.80 0.30
N LEU A 110 -2.61 7.84 -0.57
CA LEU A 110 -2.32 6.48 -0.24
C LEU A 110 -0.91 6.12 -0.76
N VAL A 111 -0.02 5.76 0.17
CA VAL A 111 1.35 5.26 -0.15
C VAL A 111 1.42 3.76 0.09
N SER A 112 1.68 2.97 -0.93
CA SER A 112 1.75 1.55 -0.72
C SER A 112 3.06 0.97 -1.20
N GLN A 113 3.59 0.06 -0.40
CA GLN A 113 4.76 -0.75 -0.71
C GLN A 113 4.38 -2.04 -1.42
N ASN A 114 3.06 -2.25 -1.58
CA ASN A 114 2.58 -3.45 -2.24
C ASN A 114 2.70 -3.54 -3.77
N VAL A 115 3.22 -4.65 -4.27
CA VAL A 115 3.25 -4.89 -5.68
C VAL A 115 2.09 -5.77 -6.24
N ASP A 116 1.09 -6.03 -5.40
CA ASP A 116 0.02 -6.97 -5.73
C ASP A 116 -1.05 -6.40 -6.72
N GLY A 117 -1.03 -5.12 -7.09
CA GLY A 117 -2.01 -4.60 -8.03
C GLY A 117 -3.43 -4.37 -7.49
N LEU A 118 -3.69 -4.74 -6.23
CA LEU A 118 -5.00 -4.72 -5.64
C LEU A 118 -5.57 -3.33 -5.40
N HIS A 119 -4.76 -2.35 -5.00
CA HIS A 119 -5.25 -0.99 -4.89
C HIS A 119 -5.84 -0.52 -6.22
N VAL A 120 -5.07 -0.70 -7.28
CA VAL A 120 -5.47 -0.28 -8.60
C VAL A 120 -6.71 -1.04 -9.03
N ARG A 121 -6.72 -2.33 -8.78
CA ARG A 121 -7.81 -3.17 -9.26
C ARG A 121 -9.07 -2.97 -8.43
N SER A 122 -8.91 -2.55 -7.15
CA SER A 122 -10.06 -2.22 -6.30
C SER A 122 -10.83 -0.98 -6.81
N GLY A 123 -10.21 -0.17 -7.65
CA GLY A 123 -10.80 1.07 -8.11
C GLY A 123 -10.21 2.31 -7.50
N PHE A 124 -9.11 2.17 -6.76
CA PHE A 124 -8.59 3.30 -5.99
C PHE A 124 -7.96 4.22 -7.01
N PRO A 125 -8.26 5.52 -6.96
CA PRO A 125 -7.72 6.35 -8.05
C PRO A 125 -6.18 6.45 -8.08
N ARG A 126 -5.63 6.17 -9.26
CA ARG A 126 -4.18 6.18 -9.43
C ARG A 126 -3.49 7.50 -9.02
N ASP A 127 -4.21 8.63 -9.19
CA ASP A 127 -3.63 9.94 -8.89
C ASP A 127 -3.53 10.23 -7.40
N LYS A 128 -4.06 9.35 -6.55
CA LYS A 128 -3.88 9.51 -5.09
C LYS A 128 -3.12 8.34 -4.44
N LEU A 129 -2.32 7.66 -5.28
CA LEU A 129 -1.69 6.43 -4.92
C LEU A 129 -0.21 6.52 -5.34
N ALA A 130 0.70 6.20 -4.42
CA ALA A 130 2.10 5.97 -4.78
C ALA A 130 2.41 4.51 -4.49
N GLU A 131 2.73 3.79 -5.57
CA GLU A 131 3.17 2.39 -5.54
C GLU A 131 4.73 2.44 -5.55
N LEU A 132 5.33 2.63 -4.38
CA LEU A 132 6.74 2.95 -4.30
C LEU A 132 7.66 1.80 -4.70
N HIS A 133 7.16 0.56 -4.66
CA HIS A 133 7.94 -0.63 -4.99
C HIS A 133 7.53 -1.34 -6.34
N GLY A 134 6.59 -0.73 -7.05
CA GLY A 134 6.07 -1.33 -8.31
C GLY A 134 4.69 -1.97 -8.19
N ASN A 135 4.28 -2.58 -9.29
CA ASN A 135 2.96 -3.21 -9.45
C ASN A 135 3.18 -4.27 -10.48
N MET A 136 2.89 -5.53 -10.14
N MET A 136 2.88 -5.52 -10.16
CA MET A 136 3.08 -6.65 -11.08
CA MET A 136 3.04 -6.64 -11.09
C MET A 136 2.31 -6.55 -12.41
C MET A 136 2.32 -6.52 -12.42
N PHE A 137 1.29 -5.69 -12.46
CA PHE A 137 0.44 -5.51 -13.65
C PHE A 137 0.87 -4.34 -14.54
N VAL A 138 1.86 -3.56 -14.11
CA VAL A 138 2.22 -2.35 -14.79
C VAL A 138 3.62 -2.50 -15.37
N GLU A 139 3.77 -2.11 -16.63
CA GLU A 139 5.06 -2.09 -17.30
C GLU A 139 5.17 -0.72 -17.86
N GLU A 140 6.40 -0.36 -18.15
CA GLU A 140 6.75 1.02 -18.40
C GLU A 140 7.70 1.09 -19.56
N CYS A 141 7.57 2.10 -20.41
CA CYS A 141 8.44 2.25 -21.53
C CYS A 141 9.74 2.89 -21.11
N ALA A 142 10.85 2.20 -21.39
CA ALA A 142 12.15 2.71 -21.02
C ALA A 142 12.55 3.99 -21.73
N LYS A 143 11.96 4.27 -22.89
CA LYS A 143 12.25 5.49 -23.65
C LYS A 143 11.37 6.69 -23.28
N CYS A 144 10.05 6.58 -23.39
CA CYS A 144 9.17 7.74 -23.05
C CYS A 144 8.45 7.71 -21.66
N LYS A 145 8.63 6.67 -20.86
CA LYS A 145 8.08 6.57 -19.50
C LYS A 145 6.56 6.39 -19.44
N THR A 146 5.91 6.17 -20.56
CA THR A 146 4.51 5.78 -20.53
C THR A 146 4.29 4.43 -19.81
N GLN A 147 3.28 4.42 -18.91
CA GLN A 147 2.91 3.21 -18.20
C GLN A 147 1.75 2.56 -18.89
N TYR A 148 1.71 1.23 -18.85
CA TYR A 148 0.64 0.40 -19.33
C TYR A 148 0.14 -0.47 -18.18
N VAL A 149 -1.14 -0.33 -17.81
CA VAL A 149 -1.76 -1.13 -16.79
C VAL A 149 -2.40 -2.31 -17.45
N ARG A 150 -2.05 -3.51 -17.02
CA ARG A 150 -2.48 -4.73 -17.67
C ARG A 150 -3.39 -5.52 -16.79
N ASP A 151 -4.05 -6.49 -17.36
CA ASP A 151 -5.02 -7.26 -16.65
C ASP A 151 -4.41 -8.56 -16.14
N THR A 152 -3.34 -9.03 -16.78
CA THR A 152 -2.53 -10.11 -16.24
C THR A 152 -1.10 -9.57 -15.94
N VAL A 153 -0.38 -10.28 -15.09
CA VAL A 153 0.90 -9.82 -14.58
C VAL A 153 1.90 -9.77 -15.70
N VAL A 154 2.82 -8.80 -15.69
CA VAL A 154 3.64 -8.56 -16.88
C VAL A 154 4.70 -9.61 -17.17
N GLY A 155 5.02 -10.49 -16.22
CA GLY A 155 5.91 -11.62 -16.41
C GLY A 155 7.39 -11.49 -16.06
N THR A 156 7.88 -10.29 -15.74
CA THR A 156 9.22 -10.12 -15.21
C THR A 156 9.17 -9.25 -13.96
N MET A 157 10.26 -9.30 -13.20
CA MET A 157 10.44 -8.55 -11.94
C MET A 157 11.85 -8.03 -11.97
N GLY A 158 12.11 -6.90 -11.31
CA GLY A 158 13.42 -6.36 -11.36
C GLY A 158 13.76 -5.38 -12.46
N LEU A 159 12.77 -4.68 -12.96
CA LEU A 159 13.02 -3.65 -14.01
C LEU A 159 13.66 -4.22 -15.35
N LYS A 160 13.34 -5.46 -15.64
CA LYS A 160 13.71 -6.15 -16.85
C LYS A 160 12.72 -5.91 -17.98
N ALA A 161 13.20 -6.07 -19.21
CA ALA A 161 12.39 -6.06 -20.42
C ALA A 161 11.40 -7.20 -20.41
N THR A 162 10.14 -6.89 -20.73
CA THR A 162 9.05 -7.85 -20.67
C THR A 162 8.93 -8.61 -21.96
N GLY A 163 9.56 -8.11 -23.03
CA GLY A 163 9.39 -8.64 -24.37
C GLY A 163 8.42 -7.88 -25.29
N ARG A 164 7.71 -6.88 -24.79
CA ARG A 164 6.77 -6.09 -25.56
C ARG A 164 7.31 -4.71 -25.76
N LEU A 165 6.80 -4.05 -26.80
CA LEU A 165 7.25 -2.73 -27.15
C LEU A 165 6.16 -1.71 -27.01
N CYS A 166 6.61 -0.48 -26.93
CA CYS A 166 5.77 0.65 -26.73
C CYS A 166 4.94 0.87 -28.00
N THR A 167 3.63 1.09 -27.80
CA THR A 167 2.64 1.40 -28.90
C THR A 167 2.17 2.88 -28.98
N VAL A 168 2.89 3.82 -28.38
CA VAL A 168 2.43 5.20 -28.33
C VAL A 168 2.73 5.84 -29.67
N ALA A 169 1.72 6.50 -30.27
CA ALA A 169 1.92 7.39 -31.46
C ALA A 169 2.55 8.72 -31.01
N LYS A 170 3.74 9.05 -31.55
CA LYS A 170 4.53 10.25 -31.11
C LYS A 170 3.90 11.57 -31.57
N ALA A 171 3.85 12.56 -30.66
CA ALA A 171 3.29 13.92 -30.91
C ALA A 171 3.43 14.48 -32.37
N ARG A 172 4.67 14.55 -32.89
CA ARG A 172 4.89 14.83 -34.32
C ARG A 172 5.04 13.50 -35.10
N GLY A 173 4.15 13.31 -36.10
CA GLY A 173 4.31 12.26 -37.13
C GLY A 173 3.62 10.94 -36.89
N LEU A 174 3.18 10.72 -35.64
CA LEU A 174 2.31 9.61 -35.22
C LEU A 174 2.93 8.20 -35.35
N ARG A 175 4.26 8.10 -35.41
CA ARG A 175 4.94 6.79 -35.53
C ARG A 175 5.02 6.12 -34.15
N ALA A 176 4.79 4.81 -34.08
CA ALA A 176 4.94 4.10 -32.80
C ALA A 176 6.37 4.37 -32.18
N CYS A 177 6.44 4.72 -30.90
CA CYS A 177 7.71 4.83 -30.11
C CYS A 177 8.64 3.59 -30.20
N ARG A 178 8.08 2.41 -30.06
CA ARG A 178 8.84 1.17 -30.11
C ARG A 178 9.90 0.91 -29.00
N GLY A 179 10.00 1.80 -28.00
CA GLY A 179 10.82 1.55 -26.81
C GLY A 179 10.58 0.23 -26.07
N GLU A 180 11.63 -0.21 -25.38
CA GLU A 180 11.51 -1.41 -24.51
C GLU A 180 10.53 -1.22 -23.31
N LEU A 181 9.54 -2.11 -23.24
CA LEU A 181 8.69 -2.17 -22.07
C LEU A 181 9.41 -2.98 -20.98
N ARG A 182 9.47 -2.40 -19.78
CA ARG A 182 9.95 -3.15 -18.60
C ARG A 182 8.96 -3.22 -17.49
N ASP A 183 9.05 -4.27 -16.67
CA ASP A 183 8.32 -4.34 -15.42
C ASP A 183 8.73 -3.16 -14.51
N THR A 184 7.89 -2.88 -13.51
CA THR A 184 8.09 -1.72 -12.57
C THR A 184 8.46 -2.21 -11.16
N ILE A 185 8.70 -3.51 -11.04
CA ILE A 185 9.02 -4.12 -9.75
C ILE A 185 10.48 -3.90 -9.33
N LEU A 186 10.69 -3.04 -8.32
CA LEU A 186 12.05 -2.81 -7.77
C LEU A 186 12.67 -4.10 -7.25
N ASP A 187 13.94 -4.34 -7.60
CA ASP A 187 14.76 -5.29 -6.83
C ASP A 187 15.35 -4.52 -5.69
N TRP A 188 15.84 -5.26 -4.73
CA TRP A 188 16.69 -4.79 -3.64
C TRP A 188 17.73 -3.79 -4.16
N GLU A 189 17.76 -2.63 -3.51
CA GLU A 189 18.64 -1.50 -3.81
C GLU A 189 18.41 -0.79 -5.16
N ASP A 190 17.31 -1.07 -5.82
CA ASP A 190 16.89 -0.19 -6.88
C ASP A 190 16.35 1.13 -6.36
N SER A 191 16.51 2.14 -7.21
CA SER A 191 15.99 3.47 -6.99
C SER A 191 14.47 3.47 -7.09
N LEU A 192 13.84 4.13 -6.13
CA LEU A 192 12.43 4.30 -6.12
C LEU A 192 11.97 5.22 -7.28
N PRO A 193 10.70 5.07 -7.75
CA PRO A 193 10.11 5.98 -8.73
C PRO A 193 10.11 7.41 -8.23
N ASP A 194 10.86 8.27 -8.94
CA ASP A 194 11.02 9.69 -8.60
C ASP A 194 9.76 10.50 -8.23
N ARG A 195 8.79 10.48 -9.13
CA ARG A 195 7.55 11.26 -9.00
C ARG A 195 6.69 10.75 -7.84
N ASP A 196 6.49 9.43 -7.83
CA ASP A 196 5.70 8.78 -6.80
C ASP A 196 6.28 8.98 -5.41
N LEU A 197 7.62 8.90 -5.31
CA LEU A 197 8.27 9.15 -4.06
C LEU A 197 8.07 10.60 -3.63
N ALA A 198 8.32 11.53 -4.58
CA ALA A 198 8.14 13.01 -4.31
C ALA A 198 6.76 13.35 -3.82
N LEU A 199 5.76 12.86 -4.52
CA LEU A 199 4.36 12.98 -4.08
C LEU A 199 4.01 12.31 -2.71
N ALA A 200 4.58 11.13 -2.44
CA ALA A 200 4.35 10.43 -1.18
C ALA A 200 4.97 11.23 -0.05
N ASP A 201 6.19 11.70 -0.26
CA ASP A 201 6.89 12.62 0.64
C ASP A 201 6.16 13.95 0.94
N GLU A 202 5.75 14.71 -0.09
CA GLU A 202 4.86 15.89 0.11
C GLU A 202 3.64 15.50 0.89
N ALA A 203 2.93 14.46 0.50
CA ALA A 203 1.75 14.12 1.23
C ALA A 203 2.04 13.86 2.69
N SER A 204 3.11 13.11 2.94
CA SER A 204 3.48 12.64 4.29
C SER A 204 3.98 13.82 5.16
N ARG A 205 4.76 14.70 4.56
CA ARG A 205 5.20 15.93 5.24
C ARG A 205 4.03 16.89 5.61
N ASN A 206 3.02 17.01 4.76
CA ASN A 206 1.90 17.92 5.07
C ASN A 206 0.74 17.25 5.78
N ALA A 207 0.84 15.96 6.15
CA ALA A 207 -0.32 15.28 6.83
C ALA A 207 -0.50 15.73 8.31
N ASP A 208 -1.74 15.70 8.75
CA ASP A 208 -2.10 15.78 10.15
C ASP A 208 -2.05 14.42 10.85
N LEU A 209 -2.26 13.35 10.09
CA LEU A 209 -2.45 12.02 10.65
C LEU A 209 -1.90 11.06 9.58
N SER A 210 -0.88 10.28 9.93
CA SER A 210 -0.46 9.12 9.12
C SER A 210 -0.85 7.85 9.86
N ILE A 211 -1.46 6.91 9.14
CA ILE A 211 -1.96 5.66 9.64
C ILE A 211 -1.29 4.56 8.77
N THR A 212 -0.61 3.57 9.40
CA THR A 212 0.06 2.48 8.68
C THR A 212 -0.74 1.23 8.92
N LEU A 213 -0.89 0.41 7.91
CA LEU A 213 -1.69 -0.79 8.00
C LEU A 213 -0.91 -1.93 7.37
N GLY A 214 -0.60 -2.95 8.15
CA GLY A 214 0.03 -4.14 7.60
C GLY A 214 1.43 -3.94 7.02
N THR A 215 2.22 -3.05 7.60
CA THR A 215 3.64 -2.98 7.29
C THR A 215 4.45 -3.05 8.59
N SER A 216 5.59 -3.74 8.56
CA SER A 216 6.51 -3.72 9.70
C SER A 216 7.51 -2.55 9.63
N LEU A 217 7.44 -1.75 8.57
CA LEU A 217 8.21 -0.51 8.42
C LEU A 217 9.74 -0.67 8.49
N GLN A 218 10.23 -1.79 8.03
CA GLN A 218 11.63 -2.10 8.03
C GLN A 218 12.31 -1.64 6.76
N ILE A 219 11.54 -1.37 5.68
CA ILE A 219 12.15 -0.96 4.41
C ILE A 219 12.04 0.56 4.19
N ARG A 220 13.17 1.20 3.88
CA ARG A 220 13.21 2.61 3.55
C ARG A 220 13.43 2.87 2.05
N PRO A 221 13.08 4.09 1.58
CA PRO A 221 12.54 5.20 2.39
C PRO A 221 11.06 5.09 2.79
N SER A 222 10.33 4.11 2.25
CA SER A 222 8.86 3.96 2.52
C SER A 222 8.48 3.97 3.98
N GLY A 223 9.13 3.07 4.75
CA GLY A 223 8.92 2.84 6.16
C GLY A 223 9.12 4.10 6.98
N ASN A 224 9.87 5.06 6.47
CA ASN A 224 10.07 6.32 7.20
C ASN A 224 9.16 7.45 6.84
N LEU A 225 8.42 7.35 5.75
CA LEU A 225 7.49 8.45 5.37
C LEU A 225 6.52 8.79 6.50
N PRO A 226 5.98 7.79 7.24
CA PRO A 226 5.04 8.14 8.34
C PRO A 226 5.64 8.92 9.49
N LEU A 227 6.97 8.90 9.64
CA LEU A 227 7.60 9.68 10.71
C LEU A 227 7.54 11.12 10.32
N ALA A 228 7.76 11.45 9.04
CA ALA A 228 7.70 12.84 8.54
C ALA A 228 6.49 13.54 9.07
N THR A 229 5.40 12.84 9.09
CA THR A 229 4.18 13.38 9.64
C THR A 229 4.38 13.92 11.08
N LYS A 230 5.04 13.14 11.92
CA LYS A 230 5.26 13.42 13.36
C LYS A 230 6.20 14.58 13.54
N ARG A 231 7.23 14.59 12.70
CA ARG A 231 8.23 15.66 12.57
C ARG A 231 7.66 17.09 12.40
N ARG A 232 6.49 17.22 11.79
CA ARG A 232 5.90 18.54 11.50
C ARG A 232 4.68 18.82 12.37
N GLY A 233 4.53 18.10 13.51
CA GLY A 233 3.39 18.22 14.45
C GLY A 233 2.22 17.20 14.42
N GLY A 234 2.16 16.32 13.42
CA GLY A 234 1.02 15.42 13.26
C GLY A 234 1.06 14.21 14.15
N ARG A 235 0.06 13.36 14.06
CA ARG A 235 0.01 12.14 14.81
C ARG A 235 0.29 10.95 13.91
N LEU A 236 0.57 9.81 14.55
CA LEU A 236 0.96 8.61 13.91
C LEU A 236 0.27 7.46 14.59
N VAL A 237 -0.39 6.64 13.79
CA VAL A 237 -1.17 5.48 14.25
C VAL A 237 -0.56 4.29 13.52
N ILE A 238 -0.19 3.23 14.23
CA ILE A 238 0.38 2.07 13.61
C ILE A 238 -0.58 0.97 13.91
N VAL A 239 -1.09 0.32 12.86
CA VAL A 239 -1.96 -0.89 12.95
C VAL A 239 -1.19 -2.06 12.31
N ASN A 240 -0.88 -3.08 13.10
CA ASN A 240 -0.09 -4.22 12.67
C ASN A 240 -0.14 -5.32 13.73
N LEU A 241 -0.16 -6.56 13.33
CA LEU A 241 -0.12 -7.66 14.28
C LEU A 241 1.26 -7.85 14.94
N GLN A 242 2.33 -7.93 14.14
CA GLN A 242 3.66 -7.94 14.71
C GLN A 242 4.05 -6.59 15.26
N PRO A 243 5.12 -6.56 16.07
CA PRO A 243 5.74 -5.23 16.33
C PRO A 243 6.25 -4.60 14.99
N THR A 244 6.40 -3.27 14.99
CA THR A 244 7.01 -2.54 13.90
C THR A 244 8.20 -1.77 14.43
N LYS A 245 9.08 -1.47 13.49
CA LYS A 245 10.32 -0.78 13.76
C LYS A 245 10.08 0.60 14.39
N HIS A 246 8.98 1.25 14.07
CA HIS A 246 8.73 2.59 14.57
C HIS A 246 7.69 2.60 15.73
N ASP A 247 7.42 1.43 16.33
CA ASP A 247 6.48 1.38 17.49
C ASP A 247 6.69 2.50 18.52
N ARG A 248 7.93 2.82 18.87
CA ARG A 248 8.18 3.79 19.90
C ARG A 248 7.67 5.19 19.57
N HIS A 249 7.38 5.46 18.29
CA HIS A 249 6.88 6.79 17.83
C HIS A 249 5.37 6.85 17.61
N ALA A 250 4.67 5.73 17.76
CA ALA A 250 3.23 5.73 17.55
C ALA A 250 2.48 6.54 18.64
N ASP A 251 1.64 7.49 18.23
CA ASP A 251 0.55 8.05 19.10
C ASP A 251 -0.49 7.05 19.50
N LEU A 252 -0.70 6.02 18.68
CA LEU A 252 -1.73 5.01 18.94
C LEU A 252 -1.31 3.71 18.19
N ARG A 253 -1.17 2.58 18.91
CA ARG A 253 -0.83 1.27 18.34
C ARG A 253 -2.04 0.36 18.46
N ILE A 254 -2.36 -0.40 17.42
CA ILE A 254 -3.48 -1.29 17.40
C ILE A 254 -2.94 -2.59 16.86
N HIS A 255 -2.92 -3.62 17.71
CA HIS A 255 -2.57 -4.95 17.36
C HIS A 255 -3.83 -5.76 17.16
N GLY A 256 -4.31 -5.78 15.92
CA GLY A 256 -5.40 -6.63 15.47
C GLY A 256 -5.46 -6.75 13.95
N TYR A 257 -6.26 -7.69 13.49
CA TYR A 257 -6.53 -7.84 12.06
C TYR A 257 -7.05 -6.55 11.44
N VAL A 258 -6.45 -6.19 10.31
CA VAL A 258 -6.69 -4.90 9.71
C VAL A 258 -8.15 -4.83 9.14
N ASP A 259 -8.64 -5.89 8.49
CA ASP A 259 -10.07 -5.99 8.09
C ASP A 259 -11.06 -5.69 9.21
N GLU A 260 -10.79 -6.27 10.35
CA GLU A 260 -11.50 -6.04 11.59
C GLU A 260 -11.42 -4.56 12.06
N VAL A 261 -10.26 -3.94 12.00
CA VAL A 261 -10.15 -2.53 12.41
C VAL A 261 -10.91 -1.60 11.44
N MET A 262 -10.82 -1.88 10.13
CA MET A 262 -11.41 -1.01 9.14
C MET A 262 -12.93 -1.19 9.10
N THR A 263 -13.43 -2.40 9.35
CA THR A 263 -14.85 -2.58 9.58
C THR A 263 -15.47 -1.76 10.73
N ARG A 264 -14.88 -1.84 11.91
CA ARG A 264 -15.32 -1.00 13.01
C ARG A 264 -15.12 0.46 12.78
N LEU A 265 -14.09 0.81 12.05
CA LEU A 265 -13.75 2.22 11.85
C LEU A 265 -14.78 2.85 10.92
N MET A 266 -15.17 2.08 9.89
CA MET A 266 -16.24 2.49 8.98
C MET A 266 -17.64 2.56 9.68
N LYS A 267 -17.92 1.61 10.57
CA LYS A 267 -19.12 1.67 11.40
C LYS A 267 -19.06 2.96 12.19
N HIS A 268 -17.99 3.22 12.92
CA HIS A 268 -18.03 4.45 13.74
C HIS A 268 -18.22 5.76 12.96
N LEU A 269 -17.84 5.79 11.68
CA LEU A 269 -17.99 7.00 10.86
C LEU A 269 -19.22 6.94 9.93
N GLY A 270 -20.08 5.95 10.05
CA GLY A 270 -21.33 5.93 9.27
C GLY A 270 -21.12 5.76 7.76
N LEU A 271 -20.01 5.12 7.39
CA LEU A 271 -19.69 4.73 6.04
C LEU A 271 -19.94 3.24 5.75
N GLU A 272 -20.50 2.99 4.56
CA GLU A 272 -20.72 1.66 4.06
C GLU A 272 -19.45 1.26 3.25
N ILE A 273 -18.93 0.05 3.46
CA ILE A 273 -17.83 -0.47 2.68
C ILE A 273 -18.41 -1.08 1.40
N PRO A 274 -18.10 -0.51 0.19
CA PRO A 274 -18.63 -1.00 -1.09
C PRO A 274 -18.18 -2.37 -1.46
N ALA A 275 -19.03 -3.09 -2.20
CA ALA A 275 -18.64 -4.37 -2.78
C ALA A 275 -17.87 -4.13 -4.07
N TRP A 276 -17.12 -5.15 -4.45
CA TRP A 276 -16.12 -5.03 -5.46
C TRP A 276 -16.67 -5.69 -6.67
N ASP A 277 -16.82 -4.93 -7.74
CA ASP A 277 -17.42 -5.43 -8.98
C ASP A 277 -16.43 -6.23 -9.86
N GLY A 278 -15.13 -6.17 -9.58
CA GLY A 278 -14.08 -6.81 -10.44
C GLY A 278 -13.06 -5.77 -10.86
N PRO A 279 -12.00 -6.19 -11.56
CA PRO A 279 -10.91 -5.22 -11.79
C PRO A 279 -11.40 -4.02 -12.54
N ARG A 280 -11.25 -2.83 -11.98
CA ARG A 280 -11.77 -1.58 -12.55
C ARG A 280 -10.74 -0.49 -12.28
N VAL A 281 -9.87 -0.24 -13.26
CA VAL A 281 -8.85 0.78 -13.15
C VAL A 281 -9.43 2.19 -13.34
N LEU A 282 -9.11 3.05 -12.38
CA LEU A 282 -9.40 4.48 -12.38
C LEU A 282 -8.12 5.38 -12.34
N GLU A 283 -7.87 6.12 -13.41
CA GLU A 283 -6.75 7.01 -13.46
C GLU A 283 -6.85 8.28 -12.57
N ARG A 284 -8.02 8.94 -12.53
CA ARG A 284 -8.20 10.24 -11.84
C ARG A 284 -9.30 10.19 -10.81
N ALA A 285 -9.06 10.77 -9.64
CA ALA A 285 -10.07 10.69 -8.59
C ALA A 285 -11.34 11.38 -9.10
N LEU A 286 -12.44 10.63 -9.01
CA LEU A 286 -13.79 11.15 -9.15
C LEU A 286 -14.00 12.40 -8.29
N PRO A 287 -15.04 13.18 -8.64
CA PRO A 287 -15.37 14.34 -7.78
C PRO A 287 -15.77 13.91 -6.33
N PRO A 288 -15.40 14.71 -5.29
CA PRO A 288 -15.76 14.24 -3.97
C PRO A 288 -17.26 14.15 -3.77
N LEU A 289 -17.68 13.01 -3.22
CA LEU A 289 -18.92 12.93 -2.49
C LEU A 289 -18.73 13.88 -1.30
N PRO A 290 -19.83 14.41 -0.73
CA PRO A 290 -19.64 15.41 0.33
C PRO A 290 -19.16 14.74 1.63
N ARG A 291 -18.43 15.48 2.46
CA ARG A 291 -18.08 15.00 3.81
C ARG A 291 -19.30 14.34 4.49
N PRO A 292 -19.08 13.24 5.26
CA PRO A 292 -20.25 12.54 5.83
C PRO A 292 -21.04 13.32 6.94
N PRO A 293 -22.22 12.78 7.34
CA PRO A 293 -22.93 13.40 8.46
C PRO A 293 -22.21 13.03 9.72
N THR A 294 -21.97 14.03 10.56
CA THR A 294 -21.24 13.91 11.83
C THR A 294 -21.48 12.58 12.57
N PRO A 295 -20.39 11.87 12.94
CA PRO A 295 -20.55 10.57 13.58
C PRO A 295 -20.82 10.66 15.07
N LYS A 296 -21.44 9.60 15.59
CA LYS A 296 -21.84 9.49 16.99
C LYS A 296 -20.67 8.98 17.86
N LEU A 297 -20.87 8.97 19.17
CA LEU A 297 -19.78 8.96 20.17
C LEU A 297 -19.71 7.64 20.95
N GLU A 298 -18.56 7.35 21.57
CA GLU A 298 -18.42 6.14 22.42
C GLU A 298 -19.07 6.38 23.80
N PRO A 299 -20.09 5.56 24.15
CA PRO A 299 -20.77 5.66 25.46
C PRO A 299 -20.01 4.89 26.56
N THR B 2 18.17 10.20 -5.82
CA THR B 2 17.89 8.76 -6.18
C THR B 2 17.94 7.79 -4.97
N ALA B 3 16.91 7.87 -4.10
CA ALA B 3 16.70 7.03 -2.90
C ALA B 3 16.37 5.61 -3.26
N ARG B 4 16.98 4.67 -2.53
CA ARG B 4 16.97 3.26 -2.85
C ARG B 4 16.25 2.36 -1.81
N LYS B 5 15.57 1.36 -2.35
CA LYS B 5 14.86 0.41 -1.54
C LYS B 5 15.86 -0.38 -0.71
N SER B 6 15.97 -0.13 0.60
CA SER B 6 16.84 -0.92 1.54
C SER B 6 16.31 -0.96 2.96
N THR B 7 17.00 -1.71 3.81
CA THR B 7 16.81 -1.69 5.23
C THR B 7 17.53 -0.58 5.94
N GLY B 8 18.76 -0.25 5.54
CA GLY B 8 19.68 0.53 6.45
C GLY B 8 21.18 0.14 6.48
#